data_3TTZ
#
_entry.id   3TTZ
#
_cell.length_a   143.178
_cell.length_b   55.629
_cell.length_c   51.216
_cell.angle_alpha   90.000
_cell.angle_beta   100.370
_cell.angle_gamma   90.000
#
_symmetry.space_group_name_H-M   'C 1 2 1'
#
loop_
_entity.id
_entity.type
_entity.pdbx_description
1 polymer 'DNA gyrase subunit B'
2 non-polymer '2-[(3S,4R)-4-{[(3,4-dichloro-5-methyl-1H-pyrrol-2-yl)carbonyl]amino}-3-fluoropiperidin-1-yl]-1,3-thiazole-5-carboxylic acid'
3 non-polymer 'MAGNESIUM ION'
4 water water
#
_entity_poly.entity_id   1
_entity_poly.type   'polypeptide(L)'
_entity_poly.pdbx_seq_one_letter_code
;MYGAGQIQVLEGLEAVRKRPGMYIGSTSERGLHHLVWEIVDNSIDEALAGYANQIEVVIEKDNWIKVTDNGRGIPVDIQE
KMGRPAVEVILTSSVVNALSQDLEVYVHRNETIYHQAYKKGVPQFDLKEVGTTDKTGTVIRFKADGEIFTETTVYNYETL
QQRIRELAFLNKGIQITLRDERDEENVREDSYHYEGGI
;
_entity_poly.pdbx_strand_id   A,B
#
# COMPACT_ATOMS: atom_id res chain seq x y z
N TYR A 2 -2.75 23.08 7.25
CA TYR A 2 -1.86 23.73 6.25
C TYR A 2 -0.78 24.57 6.94
N GLY A 3 0.22 23.89 7.48
CA GLY A 3 1.36 24.56 8.10
C GLY A 3 2.29 25.17 7.06
N ALA A 4 3.18 26.05 7.53
CA ALA A 4 4.13 26.74 6.65
C ALA A 4 4.95 25.77 5.78
N GLY A 5 5.29 24.62 6.35
CA GLY A 5 6.03 23.59 5.63
C GLY A 5 5.25 22.98 4.49
N GLN A 6 3.99 22.64 4.74
CA GLN A 6 3.13 22.01 3.74
C GLN A 6 2.78 23.00 2.62
N ILE A 7 2.64 24.27 2.97
CA ILE A 7 2.41 25.33 1.99
C ILE A 7 3.61 25.47 1.05
N GLN A 8 4.81 25.44 1.63
CA GLN A 8 6.05 25.50 0.87
C GLN A 8 6.15 24.33 -0.13
N VAL A 9 5.73 23.15 0.30
CA VAL A 9 5.74 21.95 -0.54
C VAL A 9 4.90 22.16 -1.80
N LEU A 10 3.66 22.59 -1.60
CA LEU A 10 2.73 22.80 -2.71
C LEU A 10 3.21 23.89 -3.68
N GLU A 11 3.76 24.97 -3.14
CA GLU A 11 4.36 26.03 -3.97
C GLU A 11 5.53 25.49 -4.78
N GLY A 12 6.32 24.59 -4.18
CA GLY A 12 7.44 23.96 -4.87
C GLY A 12 7.00 23.10 -6.03
N LEU A 13 5.95 22.31 -5.82
CA LEU A 13 5.39 21.48 -6.89
C LEU A 13 4.86 22.36 -8.03
N GLU A 14 4.19 23.45 -7.69
CA GLU A 14 3.67 24.38 -8.69
C GLU A 14 4.81 24.95 -9.54
N ALA A 15 5.89 25.37 -8.89
CA ALA A 15 7.03 25.98 -9.57
C ALA A 15 7.70 25.02 -10.55
N VAL A 16 7.87 23.77 -10.15
CA VAL A 16 8.50 22.76 -11.02
C VAL A 16 7.65 22.46 -12.25
N ARG A 17 6.34 22.30 -12.05
CA ARG A 17 5.43 21.96 -13.14
C ARG A 17 5.17 23.15 -14.08
N LYS A 18 5.42 24.36 -13.59
CA LYS A 18 5.25 25.57 -14.39
C LYS A 18 6.41 25.77 -15.38
N ARG A 19 7.62 25.42 -14.96
CA ARG A 19 8.82 25.61 -15.78
C ARG A 19 9.73 24.38 -15.72
N PRO A 20 9.21 23.23 -16.18
CA PRO A 20 9.94 21.96 -16.05
C PRO A 20 11.31 21.99 -16.72
N GLY A 21 11.41 22.64 -17.88
CA GLY A 21 12.67 22.74 -18.62
C GLY A 21 13.82 23.36 -17.86
N MET A 22 13.52 24.27 -16.95
CA MET A 22 14.56 24.91 -16.12
C MET A 22 15.14 23.95 -15.09
N TYR A 23 14.38 22.91 -14.75
CA TYR A 23 14.83 21.90 -13.79
C TYR A 23 15.55 20.72 -14.46
N ILE A 24 15.00 20.22 -15.55
CA ILE A 24 15.53 19.01 -16.20
C ILE A 24 16.05 19.23 -17.63
N GLY A 25 16.24 20.49 -18.02
CA GLY A 25 16.85 20.82 -19.31
C GLY A 25 15.88 20.99 -20.45
N SER A 26 14.92 20.07 -20.56
CA SER A 26 13.90 20.11 -21.60
C SER A 26 12.76 19.17 -21.24
N THR A 27 11.69 19.22 -22.00
CA THR A 27 10.59 18.26 -21.86
C THR A 27 10.56 17.31 -23.06
N SER A 28 11.66 17.28 -23.81
CA SER A 28 11.84 16.39 -24.95
C SER A 28 12.18 14.98 -24.47
N GLU A 29 12.58 14.11 -25.41
CA GLU A 29 13.06 12.78 -25.06
C GLU A 29 14.26 12.81 -24.11
N ARG A 30 15.14 13.80 -24.28
CA ARG A 30 16.30 13.95 -23.40
C ARG A 30 15.87 14.22 -21.97
N GLY A 31 14.85 15.07 -21.79
CA GLY A 31 14.29 15.36 -20.47
C GLY A 31 13.64 14.16 -19.82
N LEU A 32 12.92 13.38 -20.61
CA LEU A 32 12.30 12.14 -20.14
C LEU A 32 13.33 11.21 -19.53
N HIS A 33 14.43 10.99 -20.25
CA HIS A 33 15.48 10.11 -19.77
C HIS A 33 16.22 10.68 -18.55
N HIS A 34 16.29 12.01 -18.47
CA HIS A 34 16.89 12.68 -17.32
C HIS A 34 16.20 12.30 -16.00
N LEU A 35 14.89 12.04 -16.04
CA LEU A 35 14.15 11.60 -14.85
C LEU A 35 14.80 10.36 -14.23
N VAL A 36 15.19 9.41 -15.07
CA VAL A 36 15.83 8.19 -14.61
C VAL A 36 17.16 8.50 -13.91
N TRP A 37 17.94 9.39 -14.50
CA TRP A 37 19.26 9.72 -13.94
C TRP A 37 19.15 10.47 -12.62
N GLU A 38 18.11 11.28 -12.47
CA GLU A 38 17.87 11.97 -11.21
C GLU A 38 17.64 10.99 -10.07
N ILE A 39 16.88 9.93 -10.33
CA ILE A 39 16.62 8.90 -9.33
C ILE A 39 17.87 8.04 -9.09
N VAL A 40 18.47 7.56 -10.17
CA VAL A 40 19.64 6.69 -10.08
C VAL A 40 20.82 7.37 -9.37
N ASP A 41 20.98 8.67 -9.57
CA ASP A 41 22.03 9.45 -8.89
C ASP A 41 21.97 9.33 -7.36
N ASN A 42 20.76 9.26 -6.81
CA ASN A 42 20.58 9.04 -5.36
C ASN A 42 21.16 7.70 -4.93
N SER A 43 20.90 6.66 -5.71
CA SER A 43 21.43 5.33 -5.41
C SER A 43 22.94 5.25 -5.55
N ILE A 44 23.48 5.93 -6.56
N ILE A 44 23.49 5.94 -6.55
CA ILE A 44 24.92 5.99 -6.76
CA ILE A 44 24.93 5.96 -6.74
C ILE A 44 25.61 6.62 -5.55
C ILE A 44 25.63 6.63 -5.55
N ASP A 45 25.10 7.77 -5.11
CA ASP A 45 25.62 8.45 -3.92
C ASP A 45 25.57 7.57 -2.67
N GLU A 46 24.48 6.81 -2.53
CA GLU A 46 24.33 5.90 -1.40
C GLU A 46 25.37 4.77 -1.46
N ALA A 47 25.68 4.32 -2.67
CA ALA A 47 26.75 3.33 -2.88
C ALA A 47 28.12 3.92 -2.54
N LEU A 48 28.40 5.13 -3.06
CA LEU A 48 29.67 5.79 -2.80
C LEU A 48 29.86 6.12 -1.32
N ALA A 49 28.76 6.33 -0.61
CA ALA A 49 28.81 6.59 0.84
C ALA A 49 29.13 5.33 1.64
N GLY A 50 29.08 4.16 0.99
CA GLY A 50 29.47 2.88 1.59
C GLY A 50 28.32 2.00 2.04
N TYR A 51 27.11 2.23 1.52
CA TYR A 51 25.91 1.53 2.02
C TYR A 51 25.13 0.70 1.00
N ALA A 52 25.43 0.86 -0.28
CA ALA A 52 24.77 0.11 -1.34
C ALA A 52 25.80 -0.42 -2.33
N ASN A 53 25.45 -1.49 -3.03
CA ASN A 53 26.31 -2.02 -4.09
C ASN A 53 25.55 -2.63 -5.28
N GLN A 54 24.22 -2.55 -5.24
CA GLN A 54 23.38 -3.07 -6.32
C GLN A 54 22.31 -2.04 -6.67
N ILE A 55 22.20 -1.75 -7.96
CA ILE A 55 21.15 -0.88 -8.48
C ILE A 55 20.48 -1.57 -9.66
N GLU A 56 19.16 -1.58 -9.68
CA GLU A 56 18.40 -2.18 -10.77
C GLU A 56 17.45 -1.14 -11.35
N VAL A 57 17.51 -0.97 -12.68
CA VAL A 57 16.58 -0.12 -13.40
C VAL A 57 15.73 -0.99 -14.32
N VAL A 58 14.41 -0.94 -14.14
CA VAL A 58 13.50 -1.74 -14.97
C VAL A 58 12.57 -0.82 -15.74
N ILE A 59 12.47 -1.04 -17.06
CA ILE A 59 11.43 -0.40 -17.85
C ILE A 59 10.24 -1.35 -17.82
N GLU A 60 9.19 -0.94 -17.11
CA GLU A 60 8.02 -1.80 -16.93
C GLU A 60 6.93 -1.46 -17.94
N LYS A 61 5.90 -2.29 -18.00
CA LYS A 61 4.76 -2.09 -18.89
C LYS A 61 4.26 -0.64 -18.86
N ASP A 62 3.94 -0.11 -20.04
N ASP A 62 3.94 -0.11 -20.04
CA ASP A 62 3.45 1.26 -20.22
CA ASP A 62 3.46 1.27 -20.20
C ASP A 62 4.49 2.32 -19.81
C ASP A 62 4.49 2.33 -19.81
N ASN A 63 5.76 1.98 -19.93
CA ASN A 63 6.87 2.90 -19.64
C ASN A 63 6.83 3.53 -18.24
N TRP A 64 6.50 2.69 -17.26
CA TRP A 64 6.86 2.96 -15.88
C TRP A 64 8.34 2.66 -15.77
N ILE A 65 9.02 3.35 -14.86
CA ILE A 65 10.40 3.04 -14.52
C ILE A 65 10.44 2.60 -13.06
N LYS A 66 11.16 1.51 -12.77
CA LYS A 66 11.41 1.09 -11.39
C LYS A 66 12.91 1.11 -11.13
N VAL A 67 13.31 1.83 -10.09
CA VAL A 67 14.70 1.85 -9.63
C VAL A 67 14.76 1.27 -8.23
N THR A 68 15.62 0.27 -8.04
CA THR A 68 15.80 -0.36 -6.73
C THR A 68 17.27 -0.35 -6.34
N ASP A 69 17.55 0.04 -5.10
CA ASP A 69 18.89 -0.14 -4.55
C ASP A 69 18.85 -0.90 -3.24
N ASN A 70 20.02 -1.38 -2.81
CA ASN A 70 20.15 -2.07 -1.53
C ASN A 70 20.87 -1.21 -0.50
N GLY A 71 20.61 0.10 -0.53
CA GLY A 71 21.16 1.03 0.45
C GLY A 71 20.45 0.93 1.79
N ARG A 72 20.56 1.98 2.59
CA ARG A 72 19.96 1.99 3.93
C ARG A 72 18.44 2.13 3.90
N GLY A 73 17.91 2.61 2.78
CA GLY A 73 16.49 2.97 2.68
C GLY A 73 16.30 4.41 3.12
N ILE A 74 15.47 5.15 2.40
CA ILE A 74 15.19 6.53 2.77
C ILE A 74 14.54 6.53 4.15
N PRO A 75 15.04 7.36 5.09
CA PRO A 75 14.48 7.33 6.44
C PRO A 75 13.00 7.65 6.51
N VAL A 76 12.33 7.09 7.51
CA VAL A 76 10.90 7.24 7.68
C VAL A 76 10.51 7.92 9.00
N ASP A 77 11.52 8.32 9.78
CA ASP A 77 11.28 9.01 11.05
C ASP A 77 10.61 10.35 10.82
N ILE A 78 9.79 10.77 11.79
CA ILE A 78 9.07 12.04 11.71
C ILE A 78 10.07 13.16 11.98
N GLN A 79 10.30 13.99 10.96
CA GLN A 79 11.35 15.01 11.06
C GLN A 79 10.84 16.31 11.66
N GLU A 80 11.78 17.13 12.14
CA GLU A 80 11.46 18.34 12.90
C GLU A 80 10.76 19.42 12.06
N LYS A 81 11.30 19.72 10.90
CA LYS A 81 10.78 20.82 10.07
C LYS A 81 9.32 20.61 9.70
N MET A 82 9.03 19.48 9.05
CA MET A 82 7.72 19.23 8.47
C MET A 82 6.74 18.53 9.40
N GLY A 83 7.26 17.78 10.38
CA GLY A 83 6.42 16.93 11.21
C GLY A 83 5.83 15.79 10.40
N ARG A 84 6.54 15.40 9.35
CA ARG A 84 6.12 14.33 8.45
C ARG A 84 7.28 13.35 8.31
N PRO A 85 7.00 12.12 7.86
CA PRO A 85 8.09 11.17 7.64
C PRO A 85 9.14 11.76 6.70
N ALA A 86 10.42 11.53 7.00
CA ALA A 86 11.52 12.10 6.22
C ALA A 86 11.39 11.75 4.73
N VAL A 87 11.03 10.50 4.44
CA VAL A 87 10.86 10.04 3.06
C VAL A 87 9.84 10.87 2.28
N GLU A 88 8.74 11.23 2.94
CA GLU A 88 7.72 12.06 2.30
C GLU A 88 8.28 13.44 1.96
N VAL A 89 9.03 14.03 2.89
CA VAL A 89 9.63 15.35 2.67
C VAL A 89 10.58 15.31 1.49
N ILE A 90 11.44 14.30 1.46
CA ILE A 90 12.40 14.12 0.38
C ILE A 90 11.70 13.95 -0.97
N LEU A 91 10.63 13.16 -1.01
CA LEU A 91 9.98 12.87 -2.29
C LEU A 91 9.00 13.97 -2.74
N THR A 92 8.40 14.71 -1.80
CA THR A 92 7.55 15.85 -2.20
C THR A 92 8.35 17.09 -2.66
N SER A 93 9.67 17.07 -2.49
N SER A 93 9.67 17.06 -2.48
CA SER A 93 10.55 18.10 -3.06
CA SER A 93 10.58 18.07 -3.03
C SER A 93 11.33 17.57 -4.27
C SER A 93 11.29 17.58 -4.29
N SER A 94 11.02 16.34 -4.70
CA SER A 94 11.67 15.73 -5.86
C SER A 94 11.08 16.24 -7.17
N VAL A 95 11.95 16.67 -8.08
CA VAL A 95 11.51 17.09 -9.42
C VAL A 95 10.89 15.93 -10.19
N VAL A 96 11.45 14.72 -10.03
CA VAL A 96 10.91 13.55 -10.72
C VAL A 96 9.47 13.30 -10.27
N ASN A 97 9.23 13.40 -8.96
CA ASN A 97 7.89 13.21 -8.41
C ASN A 97 6.91 14.25 -8.96
N ALA A 98 7.32 15.51 -8.95
CA ALA A 98 6.49 16.61 -9.46
C ALA A 98 6.10 16.43 -10.93
N LEU A 99 7.00 15.83 -11.71
CA LEU A 99 6.82 15.66 -13.15
C LEU A 99 6.36 14.24 -13.54
N SER A 100 5.91 13.47 -12.55
CA SER A 100 5.34 12.15 -12.79
C SER A 100 3.85 12.17 -12.49
N GLN A 101 3.05 11.58 -13.37
CA GLN A 101 1.61 11.45 -13.14
C GLN A 101 1.35 10.55 -11.92
N ASP A 102 2.23 9.57 -11.72
CA ASP A 102 2.17 8.67 -10.57
C ASP A 102 3.59 8.33 -10.14
N LEU A 103 3.81 8.24 -8.83
CA LEU A 103 5.07 7.76 -8.28
C LEU A 103 4.80 6.96 -7.02
N GLU A 104 5.55 5.88 -6.84
CA GLU A 104 5.43 5.03 -5.66
C GLU A 104 6.80 4.82 -5.05
N VAL A 105 6.85 4.74 -3.73
CA VAL A 105 8.06 4.38 -3.02
C VAL A 105 7.78 3.18 -2.12
N TYR A 106 8.74 2.27 -2.06
CA TYR A 106 8.78 1.24 -1.03
C TYR A 106 10.13 1.31 -0.36
N VAL A 107 10.14 1.58 0.95
CA VAL A 107 11.36 1.62 1.73
C VAL A 107 11.46 0.34 2.56
N HIS A 108 12.60 -0.34 2.44
CA HIS A 108 12.94 -1.48 3.29
C HIS A 108 13.89 -1.01 4.37
N ARG A 109 13.42 -1.00 5.62
CA ARG A 109 14.14 -0.39 6.71
C ARG A 109 13.52 -0.82 8.04
N ASN A 110 14.32 -0.98 9.09
CA ASN A 110 13.80 -1.41 10.40
C ASN A 110 13.01 -2.72 10.30
N GLU A 111 13.46 -3.61 9.40
CA GLU A 111 12.80 -4.89 9.12
C GLU A 111 11.33 -4.74 8.72
N THR A 112 11.00 -3.59 8.14
CA THR A 112 9.64 -3.23 7.79
C THR A 112 9.64 -2.69 6.35
N ILE A 113 8.53 -2.88 5.64
CA ILE A 113 8.35 -2.28 4.33
C ILE A 113 7.33 -1.16 4.46
N TYR A 114 7.75 0.05 4.09
CA TYR A 114 6.89 1.24 4.14
C TYR A 114 6.56 1.65 2.72
N HIS A 115 5.33 2.11 2.51
CA HIS A 115 4.84 2.45 1.17
C HIS A 115 4.12 3.79 1.18
N GLN A 116 4.40 4.61 0.16
CA GLN A 116 3.61 5.81 -0.11
C GLN A 116 3.50 6.00 -1.62
N ALA A 117 2.38 6.56 -2.06
CA ALA A 117 2.17 6.88 -3.47
C ALA A 117 1.83 8.35 -3.63
N TYR A 118 2.12 8.89 -4.81
CA TYR A 118 1.94 10.29 -5.12
C TYR A 118 1.41 10.45 -6.54
N LYS A 119 0.77 11.59 -6.79
CA LYS A 119 0.37 12.00 -8.13
C LYS A 119 0.79 13.44 -8.33
N LYS A 120 1.63 13.69 -9.32
CA LYS A 120 2.19 15.03 -9.57
C LYS A 120 2.82 15.61 -8.30
N GLY A 121 3.45 14.74 -7.50
CA GLY A 121 4.10 15.14 -6.26
C GLY A 121 3.24 15.14 -5.01
N VAL A 122 1.93 15.05 -5.17
CA VAL A 122 1.01 15.14 -4.03
C VAL A 122 0.79 13.76 -3.41
N PRO A 123 1.11 13.61 -2.11
CA PRO A 123 0.87 12.31 -1.47
C PRO A 123 -0.61 11.92 -1.51
N GLN A 124 -0.88 10.66 -1.87
CA GLN A 124 -2.25 10.15 -1.99
C GLN A 124 -2.75 9.55 -0.68
N PHE A 125 -1.81 9.23 0.22
CA PHE A 125 -2.11 8.75 1.56
C PHE A 125 -0.86 8.86 2.43
N ASP A 126 -1.03 8.75 3.74
CA ASP A 126 0.11 8.81 4.65
C ASP A 126 0.97 7.56 4.49
N LEU A 127 2.28 7.72 4.69
CA LEU A 127 3.21 6.59 4.66
C LEU A 127 2.67 5.46 5.54
N LYS A 128 2.66 4.24 5.00
CA LYS A 128 2.12 3.12 5.77
C LYS A 128 2.97 1.86 5.68
N GLU A 129 2.96 1.10 6.78
CA GLU A 129 3.63 -0.18 6.86
C GLU A 129 2.78 -1.21 6.12
N VAL A 130 3.40 -1.91 5.18
CA VAL A 130 2.68 -2.90 4.37
C VAL A 130 3.21 -4.33 4.51
N GLY A 131 4.38 -4.49 5.11
CA GLY A 131 4.96 -5.80 5.30
C GLY A 131 6.26 -5.76 6.07
N THR A 132 6.96 -6.90 6.06
CA THR A 132 8.24 -7.03 6.74
C THR A 132 9.32 -7.44 5.74
N THR A 133 10.57 -7.31 6.17
CA THR A 133 11.71 -7.59 5.31
C THR A 133 12.95 -7.88 6.14
N ASP A 134 13.90 -8.59 5.53
CA ASP A 134 15.21 -8.82 6.13
C ASP A 134 16.29 -8.09 5.32
N LYS A 135 15.87 -7.24 4.40
CA LYS A 135 16.77 -6.44 3.57
C LYS A 135 16.58 -4.96 3.88
N THR A 136 17.52 -4.15 3.42
CA THR A 136 17.35 -2.70 3.42
C THR A 136 17.49 -2.17 2.00
N GLY A 137 16.84 -1.05 1.74
CA GLY A 137 16.96 -0.38 0.44
C GLY A 137 15.73 0.41 0.08
N THR A 138 15.77 0.98 -1.12
CA THR A 138 14.71 1.85 -1.62
C THR A 138 14.26 1.40 -3.00
N VAL A 139 12.94 1.34 -3.19
CA VAL A 139 12.35 1.09 -4.49
C VAL A 139 11.53 2.32 -4.88
N ILE A 140 11.77 2.83 -6.08
CA ILE A 140 10.99 3.94 -6.64
C ILE A 140 10.39 3.47 -7.97
N ARG A 141 9.07 3.62 -8.11
CA ARG A 141 8.39 3.39 -9.39
C ARG A 141 7.74 4.70 -9.81
N PHE A 142 7.95 5.11 -11.06
CA PHE A 142 7.30 6.33 -11.54
C PHE A 142 6.88 6.26 -13.00
N LYS A 143 5.81 6.98 -13.30
CA LYS A 143 5.27 7.11 -14.64
C LYS A 143 5.33 8.60 -15.01
N ALA A 144 6.15 8.93 -16.00
CA ALA A 144 6.31 10.32 -16.45
C ALA A 144 4.98 10.93 -16.86
N ASP A 145 4.79 12.21 -16.53
CA ASP A 145 3.53 12.90 -16.80
C ASP A 145 3.46 13.34 -18.26
N GLY A 146 2.51 12.77 -18.99
CA GLY A 146 2.27 13.12 -20.39
C GLY A 146 1.87 14.57 -20.64
N GLU A 147 1.37 15.24 -19.61
CA GLU A 147 1.08 16.69 -19.69
C GLU A 147 2.36 17.53 -19.76
N ILE A 148 3.43 17.01 -19.17
CA ILE A 148 4.73 17.69 -19.17
C ILE A 148 5.55 17.25 -20.39
N PHE A 149 5.67 15.94 -20.56
CA PHE A 149 6.48 15.34 -21.63
C PHE A 149 5.59 15.07 -22.84
N THR A 150 5.40 16.13 -23.61
CA THR A 150 4.41 16.13 -24.67
C THR A 150 4.86 15.38 -25.93
N GLU A 151 6.16 15.41 -26.24
N GLU A 151 6.16 15.43 -26.23
CA GLU A 151 6.68 14.76 -27.45
CA GLU A 151 6.71 14.77 -27.42
C GLU A 151 6.64 13.24 -27.34
C GLU A 151 6.63 13.25 -27.31
N THR A 152 7.21 12.71 -26.25
CA THR A 152 7.21 11.26 -26.02
C THR A 152 7.41 10.90 -24.55
N THR A 153 6.76 9.79 -24.15
CA THR A 153 6.94 9.20 -22.83
C THR A 153 7.48 7.77 -22.95
N VAL A 154 7.99 7.42 -24.12
CA VAL A 154 8.55 6.09 -24.38
C VAL A 154 10.06 6.12 -24.26
N TYR A 155 10.61 5.24 -23.40
CA TYR A 155 12.04 5.18 -23.17
C TYR A 155 12.76 4.42 -24.26
N ASN A 156 14.01 4.80 -24.49
CA ASN A 156 14.89 4.17 -25.47
C ASN A 156 15.87 3.29 -24.70
N TYR A 157 15.80 1.98 -24.91
CA TYR A 157 16.64 1.04 -24.18
C TYR A 157 18.14 1.34 -24.35
N GLU A 158 18.54 1.63 -25.58
CA GLU A 158 19.95 1.87 -25.90
C GLU A 158 20.46 3.14 -25.21
N THR A 159 19.61 4.16 -25.10
CA THR A 159 19.95 5.38 -24.38
C THR A 159 20.19 5.10 -22.91
N LEU A 160 19.28 4.35 -22.28
CA LEU A 160 19.46 3.96 -20.87
C LEU A 160 20.67 3.04 -20.72
N GLN A 161 20.84 2.11 -21.66
CA GLN A 161 21.93 1.15 -21.61
C GLN A 161 23.30 1.83 -21.64
N GLN A 162 23.48 2.77 -22.57
CA GLN A 162 24.76 3.46 -22.77
C GLN A 162 25.22 4.12 -21.48
N ARG A 163 24.31 4.86 -20.84
CA ARG A 163 24.65 5.63 -19.65
C ARG A 163 24.79 4.72 -18.41
N ILE A 164 23.96 3.69 -18.32
CA ILE A 164 24.07 2.73 -17.22
C ILE A 164 25.42 2.00 -17.26
N ARG A 165 25.84 1.59 -18.46
CA ARG A 165 27.17 0.99 -18.63
C ARG A 165 28.26 1.98 -18.21
N GLU A 166 28.12 3.22 -18.64
CA GLU A 166 29.06 4.29 -18.26
C GLU A 166 29.12 4.47 -16.75
N LEU A 167 27.95 4.54 -16.11
CA LEU A 167 27.87 4.73 -14.66
C LEU A 167 28.57 3.60 -13.89
N ALA A 168 28.43 2.36 -14.37
CA ALA A 168 29.10 1.22 -13.75
C ALA A 168 30.62 1.30 -13.91
N PHE A 169 31.06 1.73 -15.10
CA PHE A 169 32.49 1.89 -15.39
C PHE A 169 33.12 2.98 -14.52
N LEU A 170 32.38 4.08 -14.34
CA LEU A 170 32.87 5.23 -13.57
C LEU A 170 32.82 4.97 -12.06
N ASN A 171 31.82 4.21 -11.63
CA ASN A 171 31.65 3.90 -10.21
C ASN A 171 31.87 2.41 -9.98
N LYS A 172 33.14 2.02 -9.95
CA LYS A 172 33.50 0.61 -9.89
C LYS A 172 33.02 -0.03 -8.58
N GLY A 173 32.65 -1.29 -8.67
CA GLY A 173 32.14 -2.03 -7.52
C GLY A 173 30.63 -2.11 -7.46
N ILE A 174 29.93 -1.17 -8.10
CA ILE A 174 28.47 -1.17 -8.09
C ILE A 174 27.93 -2.03 -9.24
N GLN A 175 27.11 -3.02 -8.90
CA GLN A 175 26.41 -3.82 -9.91
C GLN A 175 25.19 -3.04 -10.35
N ILE A 176 25.14 -2.66 -11.62
CA ILE A 176 24.00 -1.93 -12.15
C ILE A 176 23.36 -2.73 -13.28
N THR A 177 22.06 -3.01 -13.12
CA THR A 177 21.33 -3.87 -14.05
C THR A 177 20.21 -3.07 -14.71
N LEU A 178 20.07 -3.26 -16.02
CA LEU A 178 18.98 -2.67 -16.79
C LEU A 178 18.15 -3.80 -17.36
N ARG A 179 16.83 -3.73 -17.21
CA ARG A 179 15.95 -4.74 -17.78
C ARG A 179 14.73 -4.09 -18.44
N ASP A 180 14.37 -4.59 -19.62
CA ASP A 180 13.19 -4.12 -20.35
C ASP A 180 12.10 -5.19 -20.28
N GLU A 181 11.06 -4.92 -19.48
CA GLU A 181 9.93 -5.83 -19.31
C GLU A 181 8.66 -5.36 -20.03
N ARG A 182 8.78 -4.38 -20.93
CA ARG A 182 7.61 -3.82 -21.61
C ARG A 182 6.89 -4.87 -22.46
N ASP A 183 7.66 -5.77 -23.06
CA ASP A 183 7.12 -6.94 -23.77
C ASP A 183 7.48 -8.18 -22.96
N GLU A 184 6.49 -8.71 -22.24
CA GLU A 184 6.69 -9.88 -21.36
C GLU A 184 7.17 -11.12 -22.10
N GLU A 185 6.87 -11.21 -23.40
CA GLU A 185 7.28 -12.34 -24.22
C GLU A 185 8.74 -12.26 -24.65
N ASN A 186 9.35 -11.08 -24.54
CA ASN A 186 10.71 -10.86 -25.03
C ASN A 186 11.42 -9.86 -24.13
N VAL A 187 12.05 -10.37 -23.08
CA VAL A 187 12.64 -9.52 -22.05
C VAL A 187 14.16 -9.45 -22.20
N ARG A 188 14.68 -8.23 -22.21
CA ARG A 188 16.09 -7.95 -22.42
C ARG A 188 16.72 -7.48 -21.11
N GLU A 189 17.91 -7.98 -20.79
CA GLU A 189 18.63 -7.53 -19.59
C GLU A 189 20.13 -7.39 -19.84
N ASP A 190 20.69 -6.29 -19.35
CA ASP A 190 22.14 -6.08 -19.35
C ASP A 190 22.55 -5.76 -17.93
N SER A 191 23.59 -6.44 -17.44
CA SER A 191 24.07 -6.20 -16.08
C SER A 191 25.55 -5.88 -16.09
N TYR A 192 25.90 -4.77 -15.42
CA TYR A 192 27.25 -4.24 -15.44
C TYR A 192 27.86 -4.24 -14.06
N HIS A 193 29.13 -4.63 -13.97
CA HIS A 193 29.80 -4.77 -12.68
C HIS A 193 31.32 -4.76 -12.92
N TYR A 194 31.92 -3.58 -12.77
CA TYR A 194 33.35 -3.40 -13.02
C TYR A 194 34.16 -3.55 -11.74
N GLU A 195 35.32 -4.18 -11.86
CA GLU A 195 36.21 -4.42 -10.72
C GLU A 195 37.45 -3.54 -10.82
N GLN B 8 -24.38 12.24 16.86
CA GLN B 8 -23.12 12.58 16.13
C GLN B 8 -22.48 11.33 15.52
N VAL B 9 -22.46 10.24 16.28
CA VAL B 9 -21.99 8.95 15.79
C VAL B 9 -22.87 8.50 14.61
N LEU B 10 -24.19 8.64 14.76
CA LEU B 10 -25.13 8.32 13.69
C LEU B 10 -24.94 9.22 12.47
N GLU B 11 -24.64 10.50 12.72
CA GLU B 11 -24.41 11.45 11.63
C GLU B 11 -23.15 11.12 10.83
N GLY B 12 -22.13 10.61 11.51
CA GLY B 12 -20.90 10.16 10.86
C GLY B 12 -21.12 8.98 9.94
N LEU B 13 -21.97 8.04 10.35
CA LEU B 13 -22.31 6.87 9.55
C LEU B 13 -23.12 7.27 8.32
N GLU B 14 -24.10 8.16 8.51
CA GLU B 14 -24.91 8.69 7.42
C GLU B 14 -24.03 9.38 6.36
N ALA B 15 -23.03 10.11 6.84
CA ALA B 15 -22.11 10.83 5.96
C ALA B 15 -21.26 9.89 5.10
N VAL B 16 -20.70 8.85 5.72
CA VAL B 16 -19.92 7.85 4.99
C VAL B 16 -20.75 7.17 3.91
N ARG B 17 -22.00 6.84 4.25
CA ARG B 17 -22.91 6.16 3.32
C ARG B 17 -23.31 7.03 2.12
N LYS B 18 -23.21 8.35 2.27
CA LYS B 18 -23.50 9.28 1.17
C LYS B 18 -22.37 9.36 0.15
N ARG B 19 -21.13 9.11 0.59
CA ARG B 19 -19.96 9.23 -0.28
C ARG B 19 -18.98 8.07 -0.08
N PRO B 20 -19.45 6.83 -0.34
CA PRO B 20 -18.60 5.65 -0.17
C PRO B 20 -17.34 5.69 -1.04
N GLY B 21 -17.47 6.24 -2.26
CA GLY B 21 -16.35 6.35 -3.19
C GLY B 21 -15.13 7.08 -2.64
N MET B 22 -15.36 8.03 -1.75
CA MET B 22 -14.27 8.78 -1.11
C MET B 22 -13.40 7.89 -0.20
N TYR B 23 -13.98 6.80 0.31
CA TYR B 23 -13.29 5.92 1.25
C TYR B 23 -12.81 4.60 0.64
N ILE B 24 -13.59 4.06 -0.30
CA ILE B 24 -13.24 2.77 -0.93
C ILE B 24 -13.10 2.82 -2.46
N GLY B 25 -13.12 4.02 -3.04
CA GLY B 25 -12.88 4.21 -4.47
C GLY B 25 -14.14 4.25 -5.32
N SER B 26 -15.01 3.25 -5.12
CA SER B 26 -16.24 3.15 -5.89
C SER B 26 -17.24 2.23 -5.20
N THR B 27 -18.45 2.16 -5.73
CA THR B 27 -19.45 1.20 -5.26
C THR B 27 -19.57 0.02 -6.23
N SER B 28 -18.62 -0.11 -7.14
CA SER B 28 -18.56 -1.21 -8.10
C SER B 28 -18.01 -2.47 -7.43
N GLU B 29 -17.76 -3.50 -8.24
CA GLU B 29 -17.14 -4.75 -7.76
C GLU B 29 -15.79 -4.48 -7.09
N ARG B 30 -15.05 -3.50 -7.62
CA ARG B 30 -13.75 -3.09 -7.06
C ARG B 30 -13.92 -2.59 -5.63
N GLY B 31 -14.94 -1.75 -5.42
CA GLY B 31 -15.28 -1.23 -4.10
C GLY B 31 -15.72 -2.31 -3.14
N LEU B 32 -16.53 -3.26 -3.63
CA LEU B 32 -16.98 -4.39 -2.82
C LEU B 32 -15.79 -5.12 -2.21
N HIS B 33 -14.82 -5.47 -3.05
CA HIS B 33 -13.63 -6.19 -2.60
C HIS B 33 -12.75 -5.35 -1.67
N HIS B 34 -12.77 -4.03 -1.84
CA HIS B 34 -12.03 -3.13 -0.95
C HIS B 34 -12.50 -3.22 0.51
N LEU B 35 -13.77 -3.58 0.72
CA LEU B 35 -14.28 -3.80 2.08
C LEU B 35 -13.47 -4.88 2.79
N VAL B 36 -13.15 -5.94 2.08
CA VAL B 36 -12.35 -7.04 2.62
C VAL B 36 -10.95 -6.54 2.99
N TRP B 37 -10.34 -5.74 2.12
CA TRP B 37 -8.98 -5.27 2.36
C TRP B 37 -8.89 -4.31 3.53
N GLU B 38 -9.92 -3.50 3.74
CA GLU B 38 -9.96 -2.60 4.90
C GLU B 38 -9.97 -3.38 6.22
N ILE B 39 -10.74 -4.46 6.28
CA ILE B 39 -10.77 -5.29 7.48
C ILE B 39 -9.46 -6.07 7.61
N VAL B 40 -9.02 -6.71 6.53
CA VAL B 40 -7.76 -7.49 6.56
C VAL B 40 -6.56 -6.62 6.94
N ASP B 41 -6.54 -5.37 6.48
N ASP B 41 -6.53 -5.37 6.47
CA ASP B 41 -5.47 -4.42 6.82
CA ASP B 41 -5.47 -4.42 6.82
C ASP B 41 -5.29 -4.26 8.33
C ASP B 41 -5.29 -4.27 8.33
N ASN B 42 -6.39 -4.31 9.09
CA ASN B 42 -6.34 -4.23 10.54
C ASN B 42 -5.63 -5.44 11.13
N SER B 43 -5.91 -6.62 10.58
CA SER B 43 -5.24 -7.85 11.00
C SER B 43 -3.75 -7.82 10.63
N ILE B 44 -3.44 -7.30 9.44
CA ILE B 44 -2.05 -7.14 9.02
C ILE B 44 -1.29 -6.19 9.96
N ASP B 45 -1.93 -5.10 10.37
CA ASP B 45 -1.34 -4.17 11.35
C ASP B 45 -1.02 -4.87 12.67
N GLU B 46 -1.93 -5.76 13.08
CA GLU B 46 -1.75 -6.52 14.32
C GLU B 46 -0.63 -7.56 14.18
N ALA B 47 -0.43 -8.08 12.97
CA ALA B 47 0.73 -8.92 12.68
C ALA B 47 2.03 -8.11 12.71
N LEU B 48 2.01 -6.94 12.08
CA LEU B 48 3.16 -6.03 12.09
C LEU B 48 3.51 -5.56 13.49
N ALA B 49 2.50 -5.43 14.35
CA ALA B 49 2.70 -5.08 15.76
C ALA B 49 3.35 -6.22 16.56
N GLY B 50 3.34 -7.43 16.00
CA GLY B 50 4.02 -8.60 16.58
C GLY B 50 3.13 -9.54 17.38
N TYR B 51 1.81 -9.44 17.20
CA TYR B 51 0.85 -10.19 18.03
C TYR B 51 0.04 -11.24 17.27
N ALA B 52 -0.31 -10.97 16.02
CA ALA B 52 -1.03 -11.94 15.19
C ALA B 52 -0.07 -12.64 14.25
N ASN B 53 -0.27 -13.94 14.04
CA ASN B 53 0.49 -14.69 13.03
C ASN B 53 -0.38 -15.61 12.16
N GLN B 54 -1.70 -15.53 12.36
CA GLN B 54 -2.66 -16.31 11.57
C GLN B 54 -3.86 -15.43 11.25
N ILE B 55 -4.19 -15.35 9.96
CA ILE B 55 -5.33 -14.57 9.49
C ILE B 55 -6.14 -15.47 8.57
N GLU B 56 -7.45 -15.47 8.74
CA GLU B 56 -8.35 -16.28 7.91
C GLU B 56 -9.44 -15.41 7.32
N VAL B 57 -9.65 -15.55 6.02
CA VAL B 57 -10.72 -14.86 5.31
C VAL B 57 -11.64 -15.91 4.71
N VAL B 58 -12.92 -15.88 5.10
CA VAL B 58 -13.90 -16.84 4.59
C VAL B 58 -15.00 -16.11 3.84
N ILE B 59 -15.30 -16.58 2.64
CA ILE B 59 -16.49 -16.13 1.93
C ILE B 59 -17.60 -17.09 2.36
N GLU B 60 -18.55 -16.58 3.12
CA GLU B 60 -19.60 -17.40 3.69
C GLU B 60 -20.87 -17.30 2.86
N LYS B 61 -21.85 -18.13 3.17
CA LYS B 61 -23.10 -18.16 2.44
C LYS B 61 -23.74 -16.76 2.40
N ASP B 62 -24.39 -16.45 1.29
CA ASP B 62 -24.99 -15.14 1.04
C ASP B 62 -23.97 -14.00 0.96
N ASN B 63 -22.72 -14.36 0.65
CA ASN B 63 -21.63 -13.39 0.51
C ASN B 63 -21.43 -12.52 1.75
N TRP B 64 -21.53 -13.15 2.91
CA TRP B 64 -20.94 -12.60 4.12
C TRP B 64 -19.43 -12.84 3.99
N ILE B 65 -18.64 -11.98 4.62
CA ILE B 65 -17.21 -12.18 4.72
C ILE B 65 -16.86 -12.28 6.20
N LYS B 66 -16.05 -13.27 6.56
CA LYS B 66 -15.55 -13.41 7.91
C LYS B 66 -14.03 -13.27 7.92
N VAL B 67 -13.51 -12.37 8.74
CA VAL B 67 -12.07 -12.23 8.91
C VAL B 67 -11.74 -12.52 10.37
N THR B 68 -10.80 -13.44 10.58
CA THR B 68 -10.36 -13.82 11.92
C THR B 68 -8.85 -13.67 12.02
N ASP B 69 -8.38 -13.06 13.10
CA ASP B 69 -6.96 -13.12 13.45
C ASP B 69 -6.77 -13.61 14.89
N ASN B 70 -5.53 -13.98 15.21
CA ASN B 70 -5.18 -14.44 16.55
C ASN B 70 -4.32 -13.42 17.29
N GLY B 71 -4.58 -12.13 17.05
CA GLY B 71 -3.92 -11.05 17.74
C GLY B 71 -4.48 -10.84 19.14
N ARG B 72 -4.34 -9.63 19.66
CA ARG B 72 -4.73 -9.31 21.04
C ARG B 72 -6.23 -9.19 21.26
N GLY B 73 -6.98 -8.98 20.18
CA GLY B 73 -8.40 -8.69 20.27
C GLY B 73 -8.62 -7.20 20.44
N ILE B 74 -9.63 -6.67 19.75
CA ILE B 74 -9.95 -5.24 19.87
C ILE B 74 -10.30 -4.94 21.33
N PRO B 75 -9.71 -3.87 21.91
CA PRO B 75 -10.02 -3.57 23.31
C PRO B 75 -11.49 -3.33 23.57
N VAL B 76 -11.95 -3.71 24.76
CA VAL B 76 -13.36 -3.60 25.13
C VAL B 76 -13.59 -2.72 26.35
N ASP B 77 -12.53 -2.09 26.86
CA ASP B 77 -12.62 -1.24 28.05
C ASP B 77 -13.51 -0.03 27.82
N ILE B 78 -14.21 0.40 28.87
CA ILE B 78 -15.20 1.48 28.77
C ILE B 78 -14.48 2.83 28.73
N GLN B 79 -14.83 3.64 27.72
CA GLN B 79 -14.19 4.94 27.52
C GLN B 79 -14.92 6.03 28.28
N GLY B 83 -18.94 6.78 27.68
CA GLY B 83 -19.06 5.54 28.44
C GLY B 83 -19.36 4.33 27.56
N ARG B 84 -18.72 4.27 26.39
CA ARG B 84 -18.90 3.15 25.47
C ARG B 84 -17.63 2.28 25.42
N PRO B 85 -17.79 0.97 25.19
CA PRO B 85 -16.60 0.12 25.03
C PRO B 85 -15.75 0.55 23.84
N ALA B 86 -14.43 0.38 23.94
CA ALA B 86 -13.50 0.78 22.89
C ALA B 86 -13.86 0.16 21.55
N VAL B 87 -14.20 -1.13 21.56
CA VAL B 87 -14.56 -1.82 20.32
C VAL B 87 -15.77 -1.17 19.62
N GLU B 88 -16.75 -0.70 20.40
CA GLU B 88 -17.91 -0.01 19.82
C GLU B 88 -17.52 1.33 19.20
N VAL B 89 -16.70 2.11 19.92
CA VAL B 89 -16.22 3.40 19.43
C VAL B 89 -15.46 3.21 18.11
N ILE B 90 -14.60 2.19 18.08
CA ILE B 90 -13.81 1.87 16.89
C ILE B 90 -14.67 1.43 15.70
N LEU B 91 -15.57 0.48 15.92
CA LEU B 91 -16.38 -0.06 14.84
C LEU B 91 -17.52 0.87 14.38
N THR B 92 -18.01 1.76 15.24
CA THR B 92 -19.00 2.75 14.81
C THR B 92 -18.39 3.90 13.98
N SER B 93 -17.06 3.93 13.87
N SER B 93 -17.06 3.93 13.87
CA SER B 93 -16.36 4.84 12.95
CA SER B 93 -16.34 4.84 12.96
C SER B 93 -15.71 4.08 11.80
C SER B 93 -15.75 4.09 11.77
N SER B 94 -16.04 2.79 11.66
CA SER B 94 -15.52 1.96 10.57
C SER B 94 -16.34 2.17 9.30
N VAL B 95 -15.64 2.43 8.19
CA VAL B 95 -16.28 2.59 6.90
C VAL B 95 -16.96 1.30 6.45
N VAL B 96 -16.30 0.17 6.67
CA VAL B 96 -16.88 -1.13 6.32
C VAL B 96 -18.19 -1.36 7.07
N ASN B 97 -18.22 -1.00 8.35
CA ASN B 97 -19.43 -1.13 9.16
C ASN B 97 -20.56 -0.26 8.61
N ALA B 98 -20.24 1.00 8.31
CA ALA B 98 -21.21 1.94 7.74
C ALA B 98 -21.81 1.43 6.43
N LEU B 99 -20.96 0.79 5.62
CA LEU B 99 -21.37 0.31 4.29
C LEU B 99 -21.85 -1.15 4.29
N SER B 100 -22.04 -1.73 5.47
CA SER B 100 -22.55 -3.09 5.60
C SER B 100 -23.97 -3.06 6.17
N GLN B 101 -24.87 -3.83 5.57
CA GLN B 101 -26.24 -3.93 6.10
C GLN B 101 -26.25 -4.66 7.45
N ASP B 102 -25.30 -5.59 7.63
CA ASP B 102 -25.09 -6.26 8.91
C ASP B 102 -23.60 -6.49 9.15
N LEU B 103 -23.17 -6.29 10.39
CA LEU B 103 -21.80 -6.61 10.79
C LEU B 103 -21.81 -7.13 12.22
N GLU B 104 -20.98 -8.14 12.47
CA GLU B 104 -20.84 -8.74 13.78
C GLU B 104 -19.38 -8.77 14.18
N VAL B 105 -19.11 -8.61 15.47
CA VAL B 105 -17.76 -8.77 16.01
C VAL B 105 -17.78 -9.74 17.19
N TYR B 106 -16.77 -10.61 17.24
CA TYR B 106 -16.51 -11.43 18.42
C TYR B 106 -15.06 -11.18 18.81
N VAL B 107 -14.86 -10.62 20.00
CA VAL B 107 -13.51 -10.38 20.51
C VAL B 107 -13.17 -11.46 21.54
N HIS B 108 -12.03 -12.10 21.35
CA HIS B 108 -11.47 -13.04 22.32
C HIS B 108 -10.37 -12.33 23.10
N ARG B 109 -10.64 -12.04 24.36
CA ARG B 109 -9.75 -11.22 25.18
C ARG B 109 -10.13 -11.41 26.64
N ASN B 110 -9.16 -11.31 27.55
CA ASN B 110 -9.41 -11.50 28.98
C ASN B 110 -10.15 -12.82 29.28
N GLU B 111 -9.80 -13.88 28.55
CA GLU B 111 -10.46 -15.19 28.67
C GLU B 111 -11.97 -15.17 28.42
N THR B 112 -12.44 -14.16 27.71
CA THR B 112 -13.86 -13.94 27.51
C THR B 112 -14.14 -13.69 26.02
N ILE B 113 -15.32 -14.09 25.58
CA ILE B 113 -15.78 -13.78 24.23
C ILE B 113 -16.81 -12.66 24.34
N TYR B 114 -16.52 -11.52 23.71
CA TYR B 114 -17.43 -10.37 23.69
C TYR B 114 -18.04 -10.25 22.31
N HIS B 115 -19.33 -9.94 22.25
CA HIS B 115 -20.06 -9.88 20.99
C HIS B 115 -20.90 -8.60 20.87
N GLN B 116 -20.87 -8.00 19.69
CA GLN B 116 -21.77 -6.90 19.35
C GLN B 116 -22.14 -7.03 17.87
N ALA B 117 -23.35 -6.63 17.53
CA ALA B 117 -23.83 -6.62 16.15
C ALA B 117 -24.30 -5.22 15.77
N TYR B 118 -24.20 -4.90 14.49
CA TYR B 118 -24.54 -3.58 13.96
C TYR B 118 -25.34 -3.72 12.66
N LYS B 119 -26.08 -2.67 12.33
CA LYS B 119 -26.76 -2.57 11.04
C LYS B 119 -26.51 -1.19 10.49
N LYS B 120 -25.85 -1.13 9.33
CA LYS B 120 -25.44 0.14 8.70
C LYS B 120 -24.61 0.98 9.68
N GLY B 121 -23.82 0.30 10.50
CA GLY B 121 -22.97 0.95 11.50
C GLY B 121 -23.59 1.13 12.87
N VAL B 122 -24.92 1.01 12.95
CA VAL B 122 -25.65 1.29 14.18
C VAL B 122 -25.68 0.06 15.09
N PRO B 123 -25.13 0.19 16.32
CA PRO B 123 -25.20 -0.93 17.28
C PRO B 123 -26.65 -1.38 17.54
N GLN B 124 -26.87 -2.69 17.49
CA GLN B 124 -28.20 -3.26 17.72
C GLN B 124 -28.43 -3.63 19.18
N PHE B 125 -27.33 -3.83 19.92
CA PHE B 125 -27.38 -4.07 21.35
C PHE B 125 -26.01 -3.76 21.94
N ASP B 126 -25.94 -3.62 23.26
CA ASP B 126 -24.68 -3.34 23.95
C ASP B 126 -23.74 -4.55 23.86
N LEU B 127 -22.44 -4.27 23.78
CA LEU B 127 -21.42 -5.32 23.82
C LEU B 127 -21.70 -6.24 25.02
N LYS B 128 -21.67 -7.54 24.79
CA LYS B 128 -21.99 -8.50 25.85
C LYS B 128 -21.07 -9.71 25.83
N GLU B 129 -20.87 -10.31 27.01
CA GLU B 129 -20.10 -11.54 27.14
C GLU B 129 -20.97 -12.71 26.70
N VAL B 130 -20.46 -13.50 25.78
CA VAL B 130 -21.21 -14.65 25.23
C VAL B 130 -20.45 -15.97 25.35
N GLY B 131 -19.37 -15.98 26.13
CA GLY B 131 -18.61 -17.21 26.35
C GLY B 131 -17.25 -17.01 26.98
N THR B 132 -16.55 -18.12 27.17
N THR B 132 -16.54 -18.12 27.14
CA THR B 132 -15.18 -18.10 27.69
CA THR B 132 -15.20 -18.14 27.70
C THR B 132 -14.26 -18.64 26.61
C THR B 132 -14.25 -18.70 26.65
N THR B 133 -13.00 -18.26 26.68
CA THR B 133 -12.01 -18.68 25.69
C THR B 133 -10.63 -18.77 26.32
N ASP B 134 -9.76 -19.58 25.71
CA ASP B 134 -8.35 -19.65 26.09
C ASP B 134 -7.47 -19.04 24.99
N LYS B 135 -8.12 -18.44 23.98
CA LYS B 135 -7.43 -17.84 22.85
C LYS B 135 -7.61 -16.33 22.88
N THR B 136 -6.84 -15.62 22.05
CA THR B 136 -7.03 -14.19 21.85
C THR B 136 -7.18 -13.90 20.37
N GLY B 137 -7.87 -12.81 20.05
CA GLY B 137 -8.02 -12.37 18.67
C GLY B 137 -9.37 -11.73 18.39
N THR B 138 -9.59 -11.44 17.11
CA THR B 138 -10.78 -10.73 16.66
C THR B 138 -11.43 -11.49 15.51
N VAL B 139 -12.75 -11.61 15.56
CA VAL B 139 -13.55 -12.14 14.46
C VAL B 139 -14.50 -11.04 14.01
N ILE B 140 -14.49 -10.74 12.71
CA ILE B 140 -15.41 -9.79 12.11
C ILE B 140 -16.18 -10.50 11.00
N ARG B 141 -17.50 -10.41 11.04
CA ARG B 141 -18.37 -10.90 9.97
C ARG B 141 -19.17 -9.73 9.44
N PHE B 142 -19.19 -9.53 8.13
CA PHE B 142 -19.99 -8.45 7.54
C PHE B 142 -20.64 -8.84 6.22
N LYS B 143 -21.83 -8.29 6.00
CA LYS B 143 -22.52 -8.41 4.72
C LYS B 143 -22.67 -7.04 4.11
N ALA B 144 -22.03 -6.82 2.95
CA ALA B 144 -22.10 -5.56 2.23
C ALA B 144 -23.54 -5.15 1.96
N ASP B 145 -23.80 -3.85 2.05
CA ASP B 145 -25.15 -3.31 1.86
C ASP B 145 -25.49 -3.29 0.37
N GLY B 146 -26.50 -4.06 -0.01
CA GLY B 146 -26.92 -4.16 -1.41
C GLY B 146 -27.53 -2.87 -1.95
N GLU B 147 -27.99 -2.00 -1.05
CA GLU B 147 -28.47 -0.68 -1.43
C GLU B 147 -27.32 0.22 -1.90
N ILE B 148 -26.13 -0.01 -1.33
CA ILE B 148 -24.93 0.73 -1.71
C ILE B 148 -24.25 0.07 -2.92
N PHE B 149 -23.99 -1.23 -2.80
CA PHE B 149 -23.32 -2.00 -3.84
C PHE B 149 -24.38 -2.65 -4.75
N THR B 150 -24.91 -1.84 -5.65
CA THR B 150 -26.05 -2.25 -6.48
C THR B 150 -25.65 -3.04 -7.72
N GLU B 151 -24.42 -2.84 -8.21
CA GLU B 151 -23.92 -3.57 -9.37
C GLU B 151 -23.71 -5.06 -9.03
N THR B 152 -23.00 -5.32 -7.94
CA THR B 152 -22.79 -6.69 -7.47
C THR B 152 -22.41 -6.75 -6.00
N THR B 153 -22.92 -7.78 -5.31
CA THR B 153 -22.51 -8.10 -3.94
C THR B 153 -21.89 -9.49 -3.89
N VAL B 154 -21.50 -10.01 -5.05
CA VAL B 154 -20.89 -11.33 -5.17
C VAL B 154 -19.37 -11.18 -5.26
N TYR B 155 -18.66 -11.84 -4.36
CA TYR B 155 -17.20 -11.79 -4.35
C TYR B 155 -16.61 -12.75 -5.37
N ASN B 156 -15.44 -12.38 -5.89
CA ASN B 156 -14.69 -13.22 -6.82
C ASN B 156 -13.51 -13.84 -6.09
N TYR B 157 -13.50 -15.17 -6.03
CA TYR B 157 -12.47 -15.90 -5.30
C TYR B 157 -11.06 -15.56 -5.76
N GLU B 158 -10.85 -15.49 -7.07
CA GLU B 158 -9.51 -15.27 -7.63
C GLU B 158 -8.99 -13.88 -7.31
N THR B 159 -9.87 -12.89 -7.31
CA THR B 159 -9.51 -11.54 -6.91
C THR B 159 -8.99 -11.51 -5.48
N LEU B 160 -9.72 -12.19 -4.59
CA LEU B 160 -9.31 -12.27 -3.18
C LEU B 160 -8.04 -13.12 -3.03
N GLN B 161 -7.97 -14.22 -3.77
CA GLN B 161 -6.83 -15.12 -3.70
C GLN B 161 -5.52 -14.44 -4.12
N GLN B 162 -5.55 -13.71 -5.23
CA GLN B 162 -4.35 -13.02 -5.74
C GLN B 162 -3.78 -12.08 -4.68
N ARG B 163 -4.65 -11.28 -4.08
CA ARG B 163 -4.21 -10.26 -3.12
C ARG B 163 -3.76 -10.89 -1.80
N ILE B 164 -4.45 -11.95 -1.37
CA ILE B 164 -4.05 -12.66 -0.15
C ILE B 164 -2.66 -13.28 -0.29
N ARG B 165 -2.36 -13.86 -1.46
CA ARG B 165 -1.01 -14.37 -1.73
C ARG B 165 0.02 -13.24 -1.66
N GLU B 166 -0.30 -12.09 -2.27
CA GLU B 166 0.58 -10.92 -2.23
C GLU B 166 0.82 -10.47 -0.79
N LEU B 167 -0.25 -10.41 0.00
CA LEU B 167 -0.14 -10.01 1.40
C LEU B 167 0.71 -10.98 2.21
N ALA B 168 0.54 -12.27 1.97
CA ALA B 168 1.34 -13.29 2.66
C ALA B 168 2.82 -13.17 2.29
N PHE B 169 3.10 -12.87 1.02
CA PHE B 169 4.49 -12.72 0.57
C PHE B 169 5.16 -11.46 1.12
N LEU B 170 4.37 -10.41 1.32
CA LEU B 170 4.85 -9.18 1.97
C LEU B 170 5.08 -9.38 3.48
N ASN B 171 4.32 -10.29 4.07
CA ASN B 171 4.35 -10.55 5.51
C ASN B 171 4.72 -12.00 5.77
N LYS B 172 5.98 -12.34 5.47
CA LYS B 172 6.44 -13.72 5.58
C LYS B 172 6.34 -14.20 7.02
N GLY B 173 6.00 -15.47 7.19
CA GLY B 173 5.78 -16.03 8.53
C GLY B 173 4.36 -15.88 9.04
N ILE B 174 3.56 -15.04 8.38
CA ILE B 174 2.15 -14.91 8.73
C ILE B 174 1.35 -15.84 7.83
N GLN B 175 0.59 -16.75 8.44
CA GLN B 175 -0.26 -17.66 7.69
C GLN B 175 -1.56 -16.95 7.33
N ILE B 176 -1.89 -16.88 6.05
CA ILE B 176 -3.11 -16.25 5.59
C ILE B 176 -3.89 -17.25 4.75
N THR B 177 -5.11 -17.55 5.19
CA THR B 177 -5.95 -18.59 4.58
C THR B 177 -7.19 -17.95 3.99
N LEU B 178 -7.55 -18.39 2.78
CA LEU B 178 -8.78 -17.98 2.11
C LEU B 178 -9.63 -19.22 1.91
N ARG B 179 -10.92 -19.13 2.24
CA ARG B 179 -11.84 -20.25 2.04
C ARG B 179 -13.18 -19.76 1.51
N ASP B 180 -13.73 -20.52 0.56
CA ASP B 180 -15.04 -20.24 -0.02
C ASP B 180 -16.02 -21.30 0.46
N GLU B 181 -17.01 -20.88 1.25
CA GLU B 181 -18.03 -21.78 1.79
C GLU B 181 -19.42 -21.53 1.19
N ARG B 182 -19.49 -20.74 0.11
CA ARG B 182 -20.77 -20.41 -0.52
C ARG B 182 -21.43 -21.61 -1.18
N ASP B 183 -20.62 -22.51 -1.72
CA ASP B 183 -21.09 -23.78 -2.24
C ASP B 183 -20.74 -24.83 -1.20
N GLU B 184 -21.71 -25.16 -0.34
CA GLU B 184 -21.45 -25.99 0.84
C GLU B 184 -21.02 -27.42 0.50
N GLU B 185 -21.42 -27.92 -0.66
CA GLU B 185 -21.04 -29.25 -1.12
C GLU B 185 -19.65 -29.28 -1.78
N ASN B 186 -19.11 -28.10 -2.09
CA ASN B 186 -17.84 -27.99 -2.80
C ASN B 186 -17.03 -26.82 -2.22
N VAL B 187 -16.34 -27.07 -1.11
CA VAL B 187 -15.59 -26.03 -0.39
C VAL B 187 -14.14 -25.98 -0.85
N ARG B 188 -13.65 -24.77 -1.07
CA ARG B 188 -12.31 -24.52 -1.62
C ARG B 188 -11.52 -23.69 -0.64
N GLU B 189 -10.25 -24.06 -0.42
CA GLU B 189 -9.38 -23.31 0.47
C GLU B 189 -7.96 -23.22 -0.08
N ASP B 190 -7.35 -22.05 0.09
CA ASP B 190 -5.93 -21.85 -0.21
C ASP B 190 -5.29 -21.18 1.01
N SER B 191 -4.16 -21.73 1.46
CA SER B 191 -3.47 -21.21 2.63
C SER B 191 -2.02 -20.88 2.28
N TYR B 192 -1.61 -19.65 2.59
CA TYR B 192 -0.27 -19.17 2.24
C TYR B 192 0.53 -18.92 3.51
N HIS B 193 1.77 -19.38 3.51
CA HIS B 193 2.64 -19.27 4.68
C HIS B 193 4.09 -19.30 4.23
N TYR B 194 4.60 -18.14 3.84
CA TYR B 194 5.95 -18.03 3.32
C TYR B 194 6.98 -18.01 4.44
N GLU B 195 8.09 -18.72 4.24
CA GLU B 195 9.16 -18.79 5.23
C GLU B 195 9.87 -17.46 5.37
#